data_5HPF
#
_entry.id   5HPF
#
_cell.length_a   111.348
_cell.length_b   111.348
_cell.length_c   282.174
_cell.angle_alpha   90.00
_cell.angle_beta   90.00
_cell.angle_gamma   90.00
#
_symmetry.space_group_name_H-M   'I 4 2 2'
#
loop_
_entity.id
_entity.type
_entity.pdbx_description
1 polymer 'p-hydroxybenzoate hydroxylase transcriptional activator'
2 non-polymer 'PHOSPHATE ION'
3 non-polymer GLYCEROL
4 non-polymer 'CHLORIDE ION'
5 water water
#
_entity_poly.entity_id   1
_entity_poly.type   'polypeptide(L)'
_entity_poly.pdbx_seq_one_letter_code
;SNAAHLPKVAQSFLNLLCAQTSLTFSIVVLDEHEVVPVARSYLPQQDNRVSPYG(MSE)HLGNRLPAHATSTGKVLLSVL
DREVQIEWIEKYGLKRLTPYTITDEHTFLETLDAVRQSDYCLSTEEHELGVIAIAVPVLNAQGLTIAALNC(MSE)SQTN
RVQPQYLIDQVLPLLRNTANELRNLV
;
_entity_poly.pdbx_strand_id   A,B,C
#
loop_
_chem_comp.id
_chem_comp.type
_chem_comp.name
_chem_comp.formula
CL non-polymer 'CHLORIDE ION' 'Cl -1'
GOL non-polymer GLYCEROL 'C3 H8 O3'
PO4 non-polymer 'PHOSPHATE ION' 'O4 P -3'
#
# COMPACT_ATOMS: atom_id res chain seq x y z
N ALA A 4 -11.58 -15.52 6.08
CA ALA A 4 -10.36 -15.16 5.35
C ALA A 4 -9.10 -15.43 6.18
N HIS A 5 -8.41 -16.50 5.81
CA HIS A 5 -7.19 -16.90 6.50
C HIS A 5 -6.03 -15.98 6.17
N LEU A 6 -5.97 -15.52 4.92
CA LEU A 6 -4.84 -14.69 4.52
C LEU A 6 -4.67 -13.43 5.36
N PRO A 7 -5.71 -12.65 5.68
CA PRO A 7 -5.47 -11.48 6.55
C PRO A 7 -4.86 -11.84 7.91
N LYS A 8 -5.29 -12.94 8.52
CA LYS A 8 -4.89 -13.26 9.89
C LYS A 8 -3.40 -13.56 9.99
N VAL A 9 -2.89 -14.39 9.07
CA VAL A 9 -1.47 -14.75 9.11
C VAL A 9 -0.58 -13.51 8.92
N ALA A 10 -0.96 -12.63 7.99
CA ALA A 10 -0.03 -11.63 7.50
C ALA A 10 0.07 -10.37 8.36
N GLN A 11 -0.86 -10.17 9.30
CA GLN A 11 -0.95 -8.88 10.00
C GLN A 11 0.36 -8.53 10.69
N SER A 12 0.93 -9.46 11.46
CA SER A 12 2.21 -9.20 12.12
C SER A 12 3.31 -8.88 11.12
N PHE A 13 3.33 -9.56 9.97
CA PHE A 13 4.39 -9.31 9.00
C PHE A 13 4.29 -7.91 8.43
N LEU A 14 3.07 -7.44 8.17
CA LEU A 14 2.90 -6.08 7.66
C LEU A 14 3.35 -5.07 8.68
N ASN A 15 3.03 -5.32 9.96
CA ASN A 15 3.45 -4.45 11.05
C ASN A 15 4.97 -4.35 11.14
N LEU A 16 5.67 -5.48 10.97
CA LEU A 16 7.12 -5.46 11.03
C LEU A 16 7.70 -4.63 9.89
N LEU A 17 7.11 -4.71 8.71
CA LEU A 17 7.60 -3.90 7.60
C LEU A 17 7.41 -2.42 7.90
N CYS A 18 6.26 -2.08 8.46
CA CYS A 18 6.03 -0.69 8.82
C CYS A 18 6.98 -0.25 9.95
N ALA A 19 7.19 -1.12 10.95
CA ALA A 19 8.06 -0.74 12.06
C ALA A 19 9.45 -0.37 11.58
N GLN A 20 9.95 -1.01 10.53
CA GLN A 20 11.34 -0.81 10.14
C GLN A 20 11.52 0.27 9.07
N THR A 21 10.50 0.55 8.26
CA THR A 21 10.62 1.52 7.20
C THR A 21 9.81 2.78 7.43
N SER A 22 8.80 2.73 8.32
CA SER A 22 7.79 3.77 8.58
C SER A 22 6.73 3.88 7.49
N LEU A 23 6.84 3.13 6.40
CA LEU A 23 5.82 3.19 5.35
C LEU A 23 4.62 2.32 5.72
N THR A 24 3.52 2.50 4.99
CA THR A 24 2.35 1.66 5.13
C THR A 24 2.39 0.56 4.05
N PHE A 25 2.04 -0.66 4.44
CA PHE A 25 2.10 -1.82 3.56
C PHE A 25 0.75 -2.52 3.58
N SER A 26 0.41 -3.17 2.47
CA SER A 26 -0.83 -3.92 2.43
C SER A 26 -0.65 -5.23 1.68
N ILE A 27 -1.62 -6.11 1.88
CA ILE A 27 -1.76 -7.32 1.09
C ILE A 27 -3.08 -7.20 0.32
N VAL A 28 -3.02 -7.56 -0.95
CA VAL A 28 -4.02 -7.17 -1.94
C VAL A 28 -4.37 -8.37 -2.81
N VAL A 29 -5.65 -8.53 -3.12
CA VAL A 29 -6.10 -9.55 -4.07
C VAL A 29 -6.69 -8.88 -5.31
N LEU A 30 -6.74 -9.67 -6.40
CA LEU A 30 -7.33 -9.26 -7.66
C LEU A 30 -8.78 -9.70 -7.68
N ASP A 31 -9.67 -8.76 -8.03
CA ASP A 31 -11.11 -9.03 -8.14
C ASP A 31 -11.56 -8.53 -9.51
N GLU A 32 -11.50 -9.42 -10.51
CA GLU A 32 -11.82 -9.13 -11.90
C GLU A 32 -10.88 -8.09 -12.50
N HIS A 33 -11.16 -6.80 -12.31
CA HIS A 33 -10.34 -5.77 -12.92
C HIS A 33 -9.83 -4.74 -11.91
N GLU A 34 -10.00 -5.00 -10.62
CA GLU A 34 -9.54 -4.08 -9.59
C GLU A 34 -8.73 -4.85 -8.55
N VAL A 35 -7.89 -4.14 -7.83
CA VAL A 35 -7.19 -4.72 -6.70
C VAL A 35 -7.79 -4.16 -5.41
N VAL A 36 -7.81 -4.99 -4.39
CA VAL A 36 -8.54 -4.77 -3.14
C VAL A 36 -7.64 -5.20 -2.01
N PRO A 37 -7.36 -4.33 -1.04
CA PRO A 37 -6.56 -4.75 0.11
C PRO A 37 -7.40 -5.59 1.05
N VAL A 38 -6.82 -6.68 1.54
CA VAL A 38 -7.47 -7.46 2.59
C VAL A 38 -6.77 -7.33 3.92
N ALA A 39 -5.61 -6.66 3.97
CA ALA A 39 -4.92 -6.38 5.23
C ALA A 39 -3.98 -5.20 5.05
N ARG A 40 -3.76 -4.47 6.14
CA ARG A 40 -2.91 -3.29 6.13
C ARG A 40 -2.09 -3.28 7.41
N SER A 41 -0.85 -2.79 7.30
CA SER A 41 -0.08 -2.57 8.52
C SER A 41 -0.77 -1.49 9.34
N TYR A 42 -0.66 -1.60 10.67
CA TYR A 42 -1.25 -0.63 11.58
C TYR A 42 -0.41 -0.61 12.86
N LEU A 43 0.31 0.48 13.06
CA LEU A 43 1.11 0.74 14.27
C LEU A 43 0.55 2.00 14.92
N PRO A 44 -0.43 1.88 15.81
CA PRO A 44 -1.10 3.10 16.33
C PRO A 44 -0.16 4.13 16.95
N GLN A 45 1.01 3.74 17.47
CA GLN A 45 1.88 4.74 18.09
C GLN A 45 2.62 5.59 17.06
N GLN A 46 2.65 5.16 15.79
CA GLN A 46 3.30 5.97 14.77
C GLN A 46 2.50 5.99 13.47
N ASP A 47 1.20 5.75 13.53
CA ASP A 47 0.38 5.67 12.34
C ASP A 47 0.39 6.98 11.55
N ASN A 48 0.90 6.92 10.33
CA ASN A 48 0.95 8.08 9.45
C ASN A 48 -0.38 8.15 8.71
N ARG A 49 -1.23 9.09 9.11
CA ARG A 49 -2.54 9.17 8.47
C ARG A 49 -2.51 9.97 7.18
N VAL A 50 -1.32 10.41 6.74
CA VAL A 50 -1.13 11.11 5.47
C VAL A 50 -0.66 10.10 4.40
N SER A 51 -1.18 8.89 4.46
CA SER A 51 -0.77 7.95 3.42
C SER A 51 -1.70 8.02 2.22
N PRO A 52 -1.24 7.62 1.05
CA PRO A 52 -2.11 7.68 -0.14
C PRO A 52 -3.27 6.71 -0.06
N TYR A 53 -4.30 7.00 -0.87
CA TYR A 53 -5.49 6.15 -0.94
C TYR A 53 -5.15 4.79 -1.56
N GLY A 54 -5.83 3.76 -1.09
CA GLY A 54 -5.76 2.45 -1.74
C GLY A 54 -5.28 1.33 -0.85
N MSE A 55 -5.04 1.55 0.43
CA MSE A 55 -4.55 0.47 1.25
C MSE A 55 -5.49 0.23 2.43
O MSE A 55 -5.31 -0.71 3.18
CB MSE A 55 -3.14 0.76 1.71
CG MSE A 55 -2.10 0.57 0.61
SE MSE A 55 -0.33 0.86 1.34
CE MSE A 55 -0.46 2.79 1.63
N HIS A 56 -6.51 1.07 2.58
CA HIS A 56 -7.53 0.75 3.56
C HIS A 56 -8.43 -0.38 3.02
N LEU A 57 -9.05 -1.11 3.95
CA LEU A 57 -9.93 -2.19 3.55
C LEU A 57 -11.12 -1.63 2.79
N GLY A 58 -11.45 -2.25 1.66
CA GLY A 58 -12.53 -1.79 0.82
C GLY A 58 -12.13 -0.84 -0.27
N ASN A 59 -10.93 -0.26 -0.19
CA ASN A 59 -10.45 0.54 -1.30
C ASN A 59 -10.35 -0.33 -2.54
N ARG A 60 -10.69 0.24 -3.68
CA ARG A 60 -10.51 -0.42 -4.97
C ARG A 60 -9.69 0.49 -5.86
N LEU A 61 -8.68 -0.08 -6.51
CA LEU A 61 -7.84 0.63 -7.46
C LEU A 61 -7.77 -0.15 -8.76
N PRO A 62 -7.61 0.54 -9.89
CA PRO A 62 -7.58 -0.16 -11.19
C PRO A 62 -6.34 -1.02 -11.32
N ALA A 63 -6.54 -2.25 -11.81
CA ALA A 63 -5.44 -3.21 -11.85
C ALA A 63 -4.37 -2.83 -12.87
N HIS A 64 -4.73 -2.21 -14.00
CA HIS A 64 -3.73 -1.93 -15.01
C HIS A 64 -2.80 -0.77 -14.65
N ALA A 65 -3.12 -0.01 -13.59
CA ALA A 65 -2.41 1.21 -13.25
C ALA A 65 -1.77 1.11 -11.86
N THR A 66 -1.61 -0.10 -11.32
CA THR A 66 -1.04 -0.30 -9.99
C THR A 66 0.05 -1.36 -10.05
N SER A 67 0.93 -1.29 -9.06
CA SER A 67 1.99 -2.28 -8.93
C SER A 67 1.42 -3.64 -8.60
N THR A 68 0.43 -3.67 -7.69
CA THR A 68 -0.21 -4.94 -7.31
C THR A 68 -0.99 -5.52 -8.46
N GLY A 69 -1.74 -4.67 -9.18
CA GLY A 69 -2.52 -5.15 -10.31
C GLY A 69 -1.66 -5.79 -11.39
N LYS A 70 -0.51 -5.17 -11.70
CA LYS A 70 0.36 -5.71 -12.74
C LYS A 70 1.00 -7.01 -12.29
N VAL A 71 1.41 -7.08 -11.02
CA VAL A 71 1.94 -8.33 -10.47
C VAL A 71 0.92 -9.45 -10.66
N LEU A 72 -0.33 -9.19 -10.29
CA LEU A 72 -1.35 -10.23 -10.30
C LEU A 72 -1.77 -10.59 -11.72
N LEU A 73 -1.79 -9.61 -12.63
CA LEU A 73 -2.11 -9.93 -14.02
C LEU A 73 -0.97 -10.67 -14.70
N SER A 74 0.27 -10.46 -14.24
CA SER A 74 1.43 -11.03 -14.92
C SER A 74 1.47 -12.55 -14.83
N VAL A 75 0.72 -13.15 -13.89
CA VAL A 75 0.71 -14.61 -13.78
C VAL A 75 -0.33 -15.24 -14.68
N LEU A 76 -1.19 -14.44 -15.30
CA LEU A 76 -2.18 -14.99 -16.21
C LEU A 76 -1.54 -15.42 -17.52
N ASP A 77 -2.19 -16.40 -18.15
CA ASP A 77 -1.80 -16.84 -19.48
C ASP A 77 -1.91 -15.66 -20.45
N ARG A 78 -1.02 -15.64 -21.45
CA ARG A 78 -0.99 -14.51 -22.38
C ARG A 78 -2.33 -14.30 -23.06
N GLU A 79 -2.99 -15.38 -23.47
CA GLU A 79 -4.32 -15.25 -24.06
C GLU A 79 -5.30 -14.64 -23.08
N VAL A 80 -5.26 -15.08 -21.82
CA VAL A 80 -6.17 -14.53 -20.81
C VAL A 80 -5.86 -13.05 -20.59
N GLN A 81 -4.58 -12.67 -20.66
CA GLN A 81 -4.21 -11.26 -20.59
C GLN A 81 -4.83 -10.48 -21.75
N ILE A 82 -4.73 -11.01 -22.98
CA ILE A 82 -5.32 -10.34 -24.14
C ILE A 82 -6.81 -10.15 -23.93
N GLU A 83 -7.48 -11.23 -23.50
CA GLU A 83 -8.92 -11.16 -23.25
C GLU A 83 -9.24 -10.16 -22.16
N TRP A 84 -8.37 -10.05 -21.16
CA TRP A 84 -8.60 -9.08 -20.09
C TRP A 84 -8.51 -7.65 -20.64
N ILE A 85 -7.49 -7.37 -21.45
CA ILE A 85 -7.33 -6.02 -22.00
C ILE A 85 -8.52 -5.68 -22.90
N GLU A 86 -8.93 -6.61 -23.75
CA GLU A 86 -10.04 -6.31 -24.66
C GLU A 86 -11.35 -6.11 -23.89
N LYS A 87 -11.52 -6.79 -22.76
CA LYS A 87 -12.75 -6.62 -22.00
C LYS A 87 -12.75 -5.30 -21.24
N TYR A 88 -11.69 -5.04 -20.47
CA TYR A 88 -11.68 -3.90 -19.55
C TYR A 88 -10.96 -2.67 -20.09
N GLY A 89 -10.13 -2.81 -21.11
CA GLY A 89 -9.38 -1.66 -21.62
C GLY A 89 -8.28 -1.20 -20.68
N LEU A 90 -7.56 -0.18 -21.13
CA LEU A 90 -6.45 0.43 -20.37
C LEU A 90 -6.70 1.94 -20.32
N LYS A 91 -7.64 2.37 -19.48
CA LYS A 91 -8.06 3.76 -19.54
C LYS A 91 -7.00 4.68 -18.94
N ARG A 92 -6.92 5.89 -19.47
CA ARG A 92 -5.95 6.84 -18.97
C ARG A 92 -6.42 7.38 -17.64
N LEU A 93 -5.55 7.32 -16.63
CA LEU A 93 -5.83 7.93 -15.35
C LEU A 93 -4.99 9.18 -15.10
N THR A 94 -3.73 9.12 -15.49
CA THR A 94 -2.77 10.21 -15.38
C THR A 94 -2.03 10.28 -16.71
N PRO A 95 -1.16 11.27 -16.92
CA PRO A 95 -0.34 11.25 -18.15
C PRO A 95 0.57 10.05 -18.25
N TYR A 96 0.75 9.29 -17.17
CA TYR A 96 1.78 8.26 -17.13
C TYR A 96 1.21 6.86 -17.17
N THR A 97 -0.12 6.74 -17.16
CA THR A 97 -0.78 5.46 -17.26
C THR A 97 -0.40 4.76 -18.56
N ILE A 98 -0.10 3.46 -18.45
CA ILE A 98 0.10 2.66 -19.65
C ILE A 98 -1.26 2.41 -20.31
N THR A 99 -1.44 2.91 -21.53
CA THR A 99 -2.71 2.78 -22.23
C THR A 99 -2.59 2.01 -23.54
N ASP A 100 -1.41 1.54 -23.89
CA ASP A 100 -1.14 0.86 -25.15
C ASP A 100 -0.96 -0.62 -24.90
N GLU A 101 -1.65 -1.46 -25.68
CA GLU A 101 -1.66 -2.90 -25.39
C GLU A 101 -0.27 -3.50 -25.48
N HIS A 102 0.47 -3.17 -26.53
CA HIS A 102 1.81 -3.72 -26.71
C HIS A 102 2.72 -3.40 -25.52
N THR A 103 2.76 -2.12 -25.11
CA THR A 103 3.58 -1.74 -23.96
C THR A 103 3.11 -2.45 -22.70
N PHE A 104 1.79 -2.58 -22.54
CA PHE A 104 1.26 -3.21 -21.34
C PHE A 104 1.67 -4.69 -21.25
N LEU A 105 1.55 -5.42 -22.36
CA LEU A 105 1.95 -6.84 -22.35
C LEU A 105 3.45 -6.98 -22.09
N GLU A 106 4.25 -6.08 -22.67
CA GLU A 106 5.68 -6.05 -22.41
C GLU A 106 5.96 -5.87 -20.92
N THR A 107 5.16 -5.03 -20.27
CA THR A 107 5.32 -4.79 -18.84
C THR A 107 4.94 -6.01 -18.03
N LEU A 108 3.81 -6.64 -18.37
CA LEU A 108 3.44 -7.87 -17.69
C LEU A 108 4.53 -8.93 -17.82
N ASP A 109 5.09 -9.09 -19.01
CA ASP A 109 6.13 -10.10 -19.16
C ASP A 109 7.34 -9.77 -18.29
N ALA A 110 7.76 -8.51 -18.23
CA ALA A 110 8.91 -8.16 -17.40
C ALA A 110 8.60 -8.36 -15.91
N VAL A 111 7.40 -7.94 -15.48
CA VAL A 111 6.99 -8.16 -14.10
C VAL A 111 6.96 -9.64 -13.76
N ARG A 112 6.42 -10.47 -14.66
CA ARG A 112 6.42 -11.90 -14.37
C ARG A 112 7.85 -12.41 -14.17
N GLN A 113 8.79 -11.91 -14.98
CA GLN A 113 10.13 -12.46 -14.97
C GLN A 113 10.95 -11.92 -13.82
N SER A 114 10.68 -10.67 -13.43
CA SER A 114 11.43 -9.97 -12.40
C SER A 114 10.90 -10.21 -10.99
N ASP A 115 9.63 -10.59 -10.85
CA ASP A 115 8.97 -10.86 -9.57
C ASP A 115 8.75 -9.62 -8.71
N TYR A 116 8.75 -8.45 -9.32
CA TYR A 116 8.32 -7.23 -8.63
C TYR A 116 7.86 -6.25 -9.68
N CYS A 117 7.17 -5.21 -9.23
CA CYS A 117 6.76 -4.12 -10.08
C CYS A 117 6.83 -2.82 -9.30
N LEU A 118 7.49 -1.82 -9.88
CA LEU A 118 7.57 -0.49 -9.29
C LEU A 118 6.83 0.45 -10.24
N SER A 119 5.82 1.12 -9.71
CA SER A 119 4.89 1.90 -10.52
C SER A 119 4.84 3.34 -9.97
N THR A 120 5.13 4.31 -10.84
CA THR A 120 5.31 5.73 -10.50
C THR A 120 4.20 6.56 -11.14
N GLU A 121 3.23 6.98 -10.33
CA GLU A 121 2.23 7.98 -10.73
C GLU A 121 1.33 7.49 -11.87
N GLU A 122 1.09 6.19 -11.94
CA GLU A 122 0.29 5.67 -13.05
C GLU A 122 -1.21 5.65 -12.75
N HIS A 123 -1.61 5.68 -11.47
CA HIS A 123 -3.02 5.81 -11.15
C HIS A 123 -3.37 7.09 -10.40
N GLU A 124 -2.39 7.75 -9.78
CA GLU A 124 -2.63 9.01 -9.08
C GLU A 124 -1.34 9.80 -9.08
N LEU A 125 -1.42 11.09 -9.43
CA LEU A 125 -0.23 11.92 -9.41
C LEU A 125 0.34 11.95 -8.00
N GLY A 126 1.68 11.98 -7.91
CA GLY A 126 2.34 12.09 -6.62
C GLY A 126 2.45 10.82 -5.80
N VAL A 127 2.05 9.67 -6.35
CA VAL A 127 2.03 8.40 -5.61
C VAL A 127 2.93 7.40 -6.31
N ILE A 128 3.75 6.68 -5.54
CA ILE A 128 4.66 5.66 -6.05
C ILE A 128 4.48 4.39 -5.20
N ALA A 129 4.66 3.23 -5.84
CA ALA A 129 4.39 1.97 -5.16
C ALA A 129 5.28 0.85 -5.69
N ILE A 130 5.60 -0.10 -4.83
CA ILE A 130 6.32 -1.29 -5.25
C ILE A 130 5.59 -2.49 -4.66
N ALA A 131 5.59 -3.60 -5.40
CA ALA A 131 4.80 -4.76 -5.00
C ALA A 131 5.50 -6.03 -5.45
N VAL A 132 5.29 -7.11 -4.69
CA VAL A 132 5.76 -8.44 -5.06
C VAL A 132 4.62 -9.43 -4.91
N PRO A 133 4.65 -10.54 -5.64
CA PRO A 133 3.62 -11.55 -5.49
C PRO A 133 3.76 -12.31 -4.17
N VAL A 134 2.63 -12.79 -3.66
CA VAL A 134 2.62 -13.72 -2.53
C VAL A 134 2.21 -15.09 -3.05
N LEU A 135 3.10 -16.06 -2.94
CA LEU A 135 2.87 -17.41 -3.41
C LEU A 135 2.43 -18.30 -2.25
N ASN A 136 1.72 -19.38 -2.58
CA ASN A 136 1.49 -20.39 -1.58
C ASN A 136 2.57 -21.46 -1.69
N ALA A 137 2.49 -22.47 -0.82
CA ALA A 137 3.48 -23.53 -0.84
C ALA A 137 3.56 -24.21 -2.20
N GLN A 138 2.46 -24.30 -2.93
CA GLN A 138 2.49 -24.97 -4.22
C GLN A 138 3.09 -24.11 -5.32
N GLY A 139 3.23 -22.80 -5.10
CA GLY A 139 3.67 -21.89 -6.14
C GLY A 139 2.58 -21.13 -6.86
N LEU A 140 1.33 -21.19 -6.41
CA LEU A 140 0.31 -20.33 -6.99
C LEU A 140 0.43 -18.93 -6.41
N THR A 141 0.20 -17.94 -7.25
CA THR A 141 0.16 -16.55 -6.79
C THR A 141 -1.22 -16.30 -6.21
N ILE A 142 -1.28 -15.97 -4.92
CA ILE A 142 -2.57 -15.79 -4.26
C ILE A 142 -2.85 -14.33 -3.90
N ALA A 143 -1.83 -13.49 -3.85
CA ALA A 143 -2.02 -12.09 -3.48
C ALA A 143 -0.81 -11.32 -3.95
N ALA A 144 -0.82 -10.01 -3.70
CA ALA A 144 0.37 -9.18 -3.86
C ALA A 144 0.60 -8.38 -2.59
N LEU A 145 1.87 -8.24 -2.25
CA LEU A 145 2.32 -7.51 -1.07
C LEU A 145 2.94 -6.20 -1.54
N ASN A 146 2.49 -5.07 -0.99
CA ASN A 146 2.95 -3.83 -1.57
C ASN A 146 3.17 -2.76 -0.52
N CYS A 147 3.62 -1.64 -1.04
CA CYS A 147 4.08 -0.51 -0.28
C CYS A 147 3.76 0.71 -1.12
N MSE A 148 3.04 1.67 -0.55
CA MSE A 148 2.64 2.87 -1.30
C MSE A 148 3.04 4.13 -0.58
O MSE A 148 2.83 4.24 0.64
CB MSE A 148 1.13 2.92 -1.51
CG MSE A 148 0.54 2.28 -2.74
SE MSE A 148 -1.35 2.83 -2.89
CE MSE A 148 -2.09 1.05 -2.90
N SER A 149 3.51 5.14 -1.30
CA SER A 149 3.85 6.38 -0.61
C SER A 149 3.74 7.56 -1.58
N GLN A 150 3.96 8.75 -1.05
CA GLN A 150 4.05 9.94 -1.90
C GLN A 150 5.45 10.10 -2.46
N THR A 151 5.52 10.52 -3.73
CA THR A 151 6.80 10.70 -4.42
C THR A 151 7.71 11.73 -3.74
N ASN A 152 7.17 12.65 -2.95
CA ASN A 152 8.00 13.59 -2.20
C ASN A 152 8.40 13.05 -0.83
N ARG A 153 8.05 11.80 -0.51
CA ARG A 153 8.44 11.18 0.75
C ARG A 153 9.36 9.98 0.58
N VAL A 154 9.43 9.37 -0.59
CA VAL A 154 10.28 8.19 -0.77
C VAL A 154 10.88 8.19 -2.18
N GLN A 155 12.21 7.99 -2.28
CA GLN A 155 12.90 7.82 -3.56
C GLN A 155 12.68 6.41 -4.11
N PRO A 156 12.64 6.24 -5.42
CA PRO A 156 12.56 4.86 -5.94
C PRO A 156 13.80 4.06 -5.60
N GLN A 157 14.96 4.72 -5.46
CA GLN A 157 16.14 4.00 -4.98
C GLN A 157 15.90 3.38 -3.61
N TYR A 158 15.24 4.10 -2.71
CA TYR A 158 14.92 3.55 -1.40
C TYR A 158 13.97 2.37 -1.53
N LEU A 159 12.97 2.48 -2.40
CA LEU A 159 12.06 1.35 -2.62
C LEU A 159 12.79 0.15 -3.18
N ILE A 160 13.73 0.36 -4.11
CA ILE A 160 14.46 -0.76 -4.70
C ILE A 160 15.49 -1.33 -3.72
N ASP A 161 16.30 -0.45 -3.08
CA ASP A 161 17.45 -0.92 -2.33
C ASP A 161 17.08 -1.39 -0.92
N GLN A 162 16.10 -0.75 -0.29
CA GLN A 162 15.75 -1.06 1.09
C GLN A 162 14.44 -1.80 1.23
N VAL A 163 13.41 -1.38 0.50
CA VAL A 163 12.08 -1.94 0.74
C VAL A 163 11.92 -3.30 0.06
N LEU A 164 12.27 -3.37 -1.24
CA LEU A 164 12.16 -4.60 -2.01
C LEU A 164 12.79 -5.81 -1.33
N PRO A 165 14.05 -5.77 -0.86
CA PRO A 165 14.59 -6.94 -0.17
C PRO A 165 13.74 -7.38 1.02
N LEU A 166 13.13 -6.44 1.73
CA LEU A 166 12.31 -6.82 2.88
C LEU A 166 10.98 -7.42 2.44
N LEU A 167 10.45 -6.97 1.31
CA LEU A 167 9.24 -7.59 0.76
C LEU A 167 9.50 -9.01 0.30
N ARG A 168 10.64 -9.26 -0.37
CA ARG A 168 10.97 -10.63 -0.75
C ARG A 168 11.11 -11.53 0.47
N ASN A 169 11.80 -11.04 1.51
CA ASN A 169 11.96 -11.84 2.72
C ASN A 169 10.61 -12.20 3.33
N THR A 170 9.68 -11.24 3.38
CA THR A 170 8.36 -11.49 3.95
C THR A 170 7.58 -12.48 3.09
N ALA A 171 7.55 -12.24 1.79
CA ALA A 171 6.87 -13.16 0.88
C ALA A 171 7.39 -14.58 1.04
N ASN A 172 8.71 -14.74 1.16
CA ASN A 172 9.26 -16.09 1.32
C ASN A 172 8.75 -16.75 2.59
N GLU A 173 8.66 -15.98 3.69
CA GLU A 173 8.12 -16.58 4.92
C GLU A 173 6.62 -16.83 4.83
N LEU A 174 5.87 -15.90 4.20
CA LEU A 174 4.43 -16.12 4.02
C LEU A 174 4.15 -17.39 3.24
N ARG A 175 5.06 -17.76 2.34
CA ARG A 175 4.81 -18.83 1.40
C ARG A 175 4.36 -20.11 2.10
N ASN A 176 5.01 -20.44 3.22
CA ASN A 176 4.73 -21.66 3.94
C ASN A 176 3.52 -21.54 4.86
N LEU A 177 3.05 -20.33 5.13
CA LEU A 177 1.99 -20.11 6.10
C LEU A 177 0.64 -19.86 5.45
N VAL A 178 0.61 -19.58 4.16
CA VAL A 178 -0.64 -19.31 3.50
C VAL A 178 -0.99 -20.47 2.58
N ALA B 4 -23.27 10.66 -36.68
CA ALA B 4 -22.07 11.46 -36.96
C ALA B 4 -22.47 12.78 -37.64
N HIS B 5 -23.77 12.97 -37.80
CA HIS B 5 -24.26 14.22 -38.37
C HIS B 5 -24.04 15.39 -37.41
N LEU B 6 -24.26 15.16 -36.11
CA LEU B 6 -24.19 16.24 -35.15
C LEU B 6 -22.83 16.92 -35.02
N PRO B 7 -21.68 16.22 -35.08
CA PRO B 7 -20.39 16.94 -35.03
C PRO B 7 -20.15 17.92 -36.18
N LYS B 8 -20.77 17.70 -37.35
CA LYS B 8 -20.62 18.65 -38.47
C LYS B 8 -21.45 19.91 -38.25
N VAL B 9 -22.68 19.75 -37.77
CA VAL B 9 -23.57 20.87 -37.53
C VAL B 9 -22.92 21.89 -36.61
N ALA B 10 -22.40 21.42 -35.48
CA ALA B 10 -22.14 22.25 -34.31
C ALA B 10 -20.70 22.70 -34.18
N GLN B 11 -19.83 22.34 -35.11
CA GLN B 11 -18.44 22.78 -35.02
C GLN B 11 -18.35 24.30 -34.95
N SER B 12 -19.14 24.98 -35.77
CA SER B 12 -19.14 26.44 -35.76
C SER B 12 -19.57 26.99 -34.42
N PHE B 13 -20.62 26.40 -33.81
CA PHE B 13 -21.13 26.93 -32.55
C PHE B 13 -20.10 26.75 -31.44
N LEU B 14 -19.37 25.63 -31.47
CA LEU B 14 -18.29 25.45 -30.50
C LEU B 14 -17.19 26.48 -30.71
N ASN B 15 -16.89 26.80 -31.97
CA ASN B 15 -15.87 27.80 -32.25
C ASN B 15 -16.28 29.17 -31.71
N LEU B 16 -17.56 29.52 -31.84
CA LEU B 16 -18.02 30.80 -31.31
C LEU B 16 -17.88 30.86 -29.79
N LEU B 17 -18.20 29.75 -29.10
CA LEU B 17 -18.08 29.77 -27.65
C LEU B 17 -16.64 30.00 -27.24
N CYS B 18 -15.70 29.46 -28.01
CA CYS B 18 -14.29 29.65 -27.74
C CYS B 18 -13.85 31.06 -28.11
N ALA B 19 -14.25 31.52 -29.30
CA ALA B 19 -13.90 32.86 -29.75
C ALA B 19 -14.26 33.92 -28.72
N GLN B 20 -15.27 33.64 -27.91
CA GLN B 20 -15.85 34.62 -27.00
C GLN B 20 -15.35 34.51 -25.57
N THR B 21 -14.92 33.32 -25.15
CA THR B 21 -14.50 33.12 -23.77
C THR B 21 -13.05 32.68 -23.64
N SER B 22 -12.43 32.23 -24.75
CA SER B 22 -11.08 31.70 -24.82
C SER B 22 -11.00 30.27 -24.28
N LEU B 23 -12.08 29.76 -23.71
CA LEU B 23 -12.08 28.42 -23.14
C LEU B 23 -12.40 27.38 -24.23
N THR B 24 -12.14 26.12 -23.90
CA THR B 24 -12.33 25.04 -24.85
C THR B 24 -13.61 24.29 -24.53
N PHE B 25 -14.37 23.98 -25.57
CA PHE B 25 -15.72 23.45 -25.46
C PHE B 25 -15.83 22.17 -26.28
N SER B 26 -16.78 21.34 -25.89
CA SER B 26 -16.97 20.09 -26.59
C SER B 26 -18.42 19.66 -26.50
N ILE B 27 -18.81 18.80 -27.43
CA ILE B 27 -20.09 18.11 -27.41
C ILE B 27 -19.79 16.64 -27.17
N VAL B 28 -20.51 16.06 -26.22
CA VAL B 28 -20.18 14.78 -25.62
C VAL B 28 -21.43 13.90 -25.65
N VAL B 29 -21.24 12.59 -25.85
CA VAL B 29 -22.33 11.63 -25.78
C VAL B 29 -21.99 10.54 -24.76
N LEU B 30 -23.04 9.88 -24.27
CA LEU B 30 -22.91 8.79 -23.33
C LEU B 30 -22.78 7.46 -24.06
N ASP B 31 -21.84 6.63 -23.60
CA ASP B 31 -21.57 5.31 -24.18
C ASP B 31 -21.34 4.37 -23.01
N GLU B 32 -22.34 3.54 -22.72
CA GLU B 32 -22.30 2.61 -21.59
C GLU B 32 -22.11 3.39 -20.29
N HIS B 33 -20.89 3.44 -19.75
CA HIS B 33 -20.66 4.17 -18.51
C HIS B 33 -19.69 5.34 -18.66
N GLU B 34 -19.31 5.68 -19.89
CA GLU B 34 -18.34 6.74 -20.12
C GLU B 34 -18.94 7.83 -21.01
N VAL B 35 -18.41 9.04 -20.88
CA VAL B 35 -18.77 10.13 -21.78
C VAL B 35 -17.63 10.34 -22.77
N VAL B 36 -17.98 10.56 -24.03
CA VAL B 36 -17.02 10.61 -25.12
C VAL B 36 -17.28 11.86 -25.95
N PRO B 37 -16.26 12.68 -26.24
CA PRO B 37 -16.47 13.84 -27.09
C PRO B 37 -16.54 13.43 -28.55
N VAL B 38 -17.48 14.05 -29.27
CA VAL B 38 -17.57 13.88 -30.72
C VAL B 38 -17.21 15.15 -31.47
N ALA B 39 -16.98 16.26 -30.77
CA ALA B 39 -16.58 17.51 -31.40
C ALA B 39 -15.99 18.42 -30.35
N ARG B 40 -14.95 19.15 -30.74
CA ARG B 40 -14.23 20.08 -29.88
C ARG B 40 -14.10 21.40 -30.62
N SER B 41 -14.16 22.50 -29.88
CA SER B 41 -13.90 23.79 -30.50
C SER B 41 -12.43 23.85 -30.93
N TYR B 42 -12.17 24.49 -32.08
CA TYR B 42 -10.81 24.61 -32.58
C TYR B 42 -10.63 25.96 -33.24
N LEU B 43 -9.73 26.76 -32.68
CA LEU B 43 -9.44 28.11 -33.14
C LEU B 43 -7.93 28.21 -33.22
N PRO B 44 -7.34 27.87 -34.38
CA PRO B 44 -5.89 27.68 -34.42
C PRO B 44 -5.08 28.94 -34.17
N GLN B 45 -5.68 30.13 -34.28
CA GLN B 45 -4.93 31.35 -33.97
C GLN B 45 -4.73 31.55 -32.48
N GLN B 46 -5.51 30.87 -31.64
CA GLN B 46 -5.41 31.03 -30.19
C GLN B 46 -5.63 29.72 -29.47
N ASP B 47 -5.29 28.60 -30.11
CA ASP B 47 -5.56 27.30 -29.53
C ASP B 47 -4.69 27.11 -28.29
N ASN B 48 -5.32 26.99 -27.14
CA ASN B 48 -4.61 26.78 -25.90
C ASN B 48 -4.43 25.28 -25.70
N ARG B 49 -3.19 24.80 -25.82
CA ARG B 49 -2.90 23.37 -25.71
C ARG B 49 -2.65 22.93 -24.28
N VAL B 50 -2.82 23.82 -23.31
CA VAL B 50 -2.76 23.49 -21.89
C VAL B 50 -4.15 23.10 -21.40
N SER B 51 -4.94 22.48 -22.27
CA SER B 51 -6.30 22.16 -21.88
C SER B 51 -6.34 20.89 -21.04
N PRO B 52 -7.36 20.72 -20.19
CA PRO B 52 -7.48 19.48 -19.43
C PRO B 52 -7.80 18.31 -20.35
N TYR B 53 -7.42 17.12 -19.91
CA TYR B 53 -7.78 15.91 -20.63
C TYR B 53 -9.29 15.74 -20.61
N GLY B 54 -9.85 15.30 -21.73
CA GLY B 54 -11.24 14.93 -21.74
C GLY B 54 -12.05 15.45 -22.91
N MSE B 55 -11.51 16.41 -23.66
CA MSE B 55 -12.31 16.98 -24.73
C MSE B 55 -11.81 16.62 -26.11
O MSE B 55 -12.45 16.96 -27.11
CB MSE B 55 -12.40 18.49 -24.56
CG MSE B 55 -13.41 18.92 -23.53
SE MSE B 55 -13.36 20.83 -23.17
CE MSE B 55 -11.48 21.06 -22.68
N HIS B 56 -10.67 15.95 -26.22
CA HIS B 56 -10.24 15.54 -27.55
C HIS B 56 -11.04 14.33 -28.01
N LEU B 57 -11.05 14.13 -29.32
CA LEU B 57 -11.81 13.04 -29.90
C LEU B 57 -11.27 11.70 -29.43
N GLY B 58 -12.18 10.85 -28.94
CA GLY B 58 -11.79 9.54 -28.47
C GLY B 58 -11.39 9.49 -27.02
N ASN B 59 -11.22 10.64 -26.37
CA ASN B 59 -11.05 10.66 -24.93
C ASN B 59 -12.28 10.02 -24.28
N ARG B 60 -12.05 9.39 -23.14
CA ARG B 60 -13.13 8.74 -22.42
C ARG B 60 -13.03 9.14 -20.96
N LEU B 61 -14.16 9.47 -20.36
CA LEU B 61 -14.24 9.92 -18.98
C LEU B 61 -15.44 9.25 -18.32
N PRO B 62 -15.33 8.95 -17.04
CA PRO B 62 -16.45 8.31 -16.33
C PRO B 62 -17.65 9.23 -16.23
N ALA B 63 -18.83 8.67 -16.48
CA ALA B 63 -20.04 9.48 -16.51
C ALA B 63 -20.38 10.02 -15.12
N HIS B 64 -20.17 9.22 -14.08
CA HIS B 64 -20.64 9.62 -12.77
C HIS B 64 -19.76 10.69 -12.13
N ALA B 65 -18.64 11.08 -12.74
CA ALA B 65 -17.76 12.08 -12.15
C ALA B 65 -17.50 13.26 -13.08
N THR B 66 -18.38 13.51 -14.04
CA THR B 66 -18.23 14.63 -14.97
C THR B 66 -19.54 15.40 -15.08
N SER B 67 -19.41 16.68 -15.48
CA SER B 67 -20.60 17.48 -15.72
C SER B 67 -21.46 16.88 -16.82
N THR B 68 -20.82 16.44 -17.90
CA THR B 68 -21.54 15.83 -19.02
C THR B 68 -22.22 14.54 -18.58
N GLY B 69 -21.51 13.68 -17.85
CA GLY B 69 -22.11 12.44 -17.42
C GLY B 69 -23.35 12.65 -16.57
N LYS B 70 -23.28 13.59 -15.62
CA LYS B 70 -24.42 13.79 -14.75
C LYS B 70 -25.60 14.38 -15.53
N VAL B 71 -25.33 15.23 -16.51
CA VAL B 71 -26.41 15.72 -17.37
C VAL B 71 -27.05 14.57 -18.14
N LEU B 72 -26.24 13.76 -18.82
CA LEU B 72 -26.81 12.70 -19.66
C LEU B 72 -27.49 11.63 -18.83
N LEU B 73 -27.00 11.35 -17.62
CA LEU B 73 -27.65 10.36 -16.78
C LEU B 73 -28.95 10.90 -16.16
N SER B 74 -29.04 12.21 -15.95
CA SER B 74 -30.18 12.76 -15.23
C SER B 74 -31.48 12.64 -16.03
N VAL B 75 -31.39 12.42 -17.33
CA VAL B 75 -32.57 12.47 -18.19
C VAL B 75 -33.11 11.06 -18.37
N LEU B 76 -32.64 10.12 -17.57
CA LEU B 76 -33.14 8.76 -17.58
C LEU B 76 -34.12 8.56 -16.43
N ASP B 77 -35.00 7.58 -16.60
CA ASP B 77 -35.96 7.27 -15.56
C ASP B 77 -35.25 6.76 -14.31
N ARG B 78 -35.93 6.90 -13.18
CA ARG B 78 -35.33 6.57 -11.89
C ARG B 78 -34.85 5.11 -11.87
N GLU B 79 -35.71 4.18 -12.32
CA GLU B 79 -35.34 2.78 -12.32
C GLU B 79 -34.11 2.54 -13.19
N VAL B 80 -34.07 3.16 -14.38
CA VAL B 80 -32.88 3.03 -15.21
C VAL B 80 -31.67 3.60 -14.50
N GLN B 81 -31.86 4.65 -13.70
CA GLN B 81 -30.74 5.24 -12.97
C GLN B 81 -30.23 4.31 -11.88
N ILE B 82 -31.13 3.81 -11.04
CA ILE B 82 -30.74 2.84 -10.02
C ILE B 82 -30.07 1.64 -10.66
N GLU B 83 -30.59 1.20 -11.81
CA GLU B 83 -29.99 0.09 -12.54
C GLU B 83 -28.57 0.42 -12.98
N TRP B 84 -28.33 1.65 -13.43
CA TRP B 84 -27.00 2.01 -13.93
C TRP B 84 -25.98 2.05 -12.80
N ILE B 85 -26.37 2.54 -11.64
CA ILE B 85 -25.50 2.50 -10.47
C ILE B 85 -25.23 1.07 -10.07
N GLU B 86 -26.27 0.24 -10.05
CA GLU B 86 -26.12 -1.15 -9.66
C GLU B 86 -25.08 -1.85 -10.52
N LYS B 87 -25.04 -1.52 -11.81
CA LYS B 87 -24.11 -2.20 -12.71
C LYS B 87 -22.69 -1.66 -12.60
N TYR B 88 -22.52 -0.35 -12.78
CA TYR B 88 -21.19 0.23 -12.93
C TYR B 88 -20.59 0.77 -11.64
N GLY B 89 -21.39 1.03 -10.62
CA GLY B 89 -20.87 1.56 -9.37
C GLY B 89 -20.45 3.01 -9.49
N LEU B 90 -20.00 3.53 -8.36
CA LEU B 90 -19.56 4.92 -8.21
C LEU B 90 -18.13 4.91 -7.66
N LYS B 91 -17.15 4.61 -8.51
CA LYS B 91 -15.79 4.49 -8.04
C LYS B 91 -15.24 5.84 -7.61
N ARG B 92 -14.35 5.82 -6.62
CA ARG B 92 -13.71 7.04 -6.13
C ARG B 92 -12.48 7.34 -6.98
N LEU B 93 -12.46 8.52 -7.58
CA LEU B 93 -11.33 8.98 -8.38
C LEU B 93 -10.53 10.07 -7.69
N THR B 94 -11.20 10.96 -7.00
CA THR B 94 -10.60 12.01 -6.19
C THR B 94 -11.29 11.98 -4.84
N PRO B 95 -10.75 12.69 -3.85
CA PRO B 95 -11.48 12.83 -2.59
C PRO B 95 -12.87 13.43 -2.76
N TYR B 96 -13.17 14.04 -3.91
CA TYR B 96 -14.41 14.77 -4.09
C TYR B 96 -15.42 14.04 -4.95
N THR B 97 -15.06 12.89 -5.50
CA THR B 97 -16.01 12.10 -6.27
C THR B 97 -17.21 11.75 -5.41
N ILE B 98 -18.41 11.87 -5.98
CA ILE B 98 -19.59 11.34 -5.33
C ILE B 98 -19.54 9.83 -5.39
N THR B 99 -19.54 9.18 -4.22
CA THR B 99 -19.60 7.73 -4.15
C THR B 99 -20.85 7.19 -3.49
N ASP B 100 -21.57 7.99 -2.71
CA ASP B 100 -22.80 7.54 -2.07
C ASP B 100 -23.95 7.54 -3.07
N GLU B 101 -24.70 6.43 -3.11
CA GLU B 101 -25.79 6.30 -4.06
C GLU B 101 -26.91 7.31 -3.79
N HIS B 102 -27.28 7.48 -2.52
CA HIS B 102 -28.33 8.45 -2.19
C HIS B 102 -27.96 9.84 -2.67
N THR B 103 -26.74 10.27 -2.38
CA THR B 103 -26.26 11.58 -2.80
C THR B 103 -26.23 11.68 -4.32
N PHE B 104 -25.76 10.63 -5.00
CA PHE B 104 -25.66 10.69 -6.45
C PHE B 104 -27.05 10.79 -7.08
N LEU B 105 -28.04 10.09 -6.49
CA LEU B 105 -29.39 10.16 -7.03
C LEU B 105 -29.99 11.56 -6.88
N GLU B 106 -29.79 12.21 -5.72
CA GLU B 106 -30.35 13.54 -5.56
C GLU B 106 -29.56 14.59 -6.34
N THR B 107 -28.32 14.31 -6.70
CA THR B 107 -27.63 15.18 -7.65
C THR B 107 -28.28 15.10 -9.03
N LEU B 108 -28.51 13.87 -9.51
CA LEU B 108 -29.16 13.69 -10.81
C LEU B 108 -30.52 14.37 -10.87
N ASP B 109 -31.28 14.34 -9.77
CA ASP B 109 -32.58 15.01 -9.78
C ASP B 109 -32.42 16.53 -9.85
N ALA B 110 -31.40 17.07 -9.19
CA ALA B 110 -31.17 18.50 -9.24
C ALA B 110 -30.62 18.94 -10.59
N VAL B 111 -29.78 18.11 -11.20
CA VAL B 111 -29.30 18.39 -12.56
C VAL B 111 -30.45 18.30 -13.55
N ARG B 112 -31.31 17.29 -13.40
CA ARG B 112 -32.48 17.18 -14.24
C ARG B 112 -33.37 18.41 -14.12
N GLN B 113 -33.59 18.87 -12.89
CA GLN B 113 -34.47 20.01 -12.67
C GLN B 113 -33.83 21.32 -13.12
N SER B 114 -32.50 21.43 -13.00
CA SER B 114 -31.81 22.68 -13.30
C SER B 114 -31.38 22.80 -14.76
N ASP B 115 -31.20 21.68 -15.46
CA ASP B 115 -30.72 21.68 -16.85
C ASP B 115 -29.30 22.24 -16.96
N TYR B 116 -28.46 21.93 -15.97
CA TYR B 116 -27.02 22.18 -16.05
C TYR B 116 -26.37 21.47 -14.89
N CYS B 117 -25.06 21.29 -15.00
CA CYS B 117 -24.28 20.67 -13.93
C CYS B 117 -22.88 21.25 -13.94
N LEU B 118 -22.42 21.68 -12.76
CA LEU B 118 -21.09 22.21 -12.57
C LEU B 118 -20.34 21.28 -11.64
N SER B 119 -19.30 20.63 -12.15
CA SER B 119 -18.53 19.66 -11.39
C SER B 119 -17.13 20.18 -11.10
N THR B 120 -16.74 20.16 -9.84
CA THR B 120 -15.46 20.69 -9.37
C THR B 120 -14.61 19.53 -8.85
N GLU B 121 -13.55 19.19 -9.59
CA GLU B 121 -12.51 18.26 -9.13
C GLU B 121 -13.05 16.88 -8.76
N GLU B 122 -14.09 16.41 -9.46
CA GLU B 122 -14.68 15.10 -9.15
C GLU B 122 -14.08 13.96 -9.94
N HIS B 123 -13.54 14.22 -11.15
CA HIS B 123 -12.81 13.18 -11.88
C HIS B 123 -11.31 13.44 -11.94
N GLU B 124 -10.86 14.65 -11.68
CA GLU B 124 -9.44 14.98 -11.78
C GLU B 124 -9.19 16.23 -10.95
N LEU B 125 -8.19 16.19 -10.08
CA LEU B 125 -7.83 17.37 -9.29
C LEU B 125 -7.48 18.53 -10.22
N GLY B 126 -7.79 19.74 -9.77
CA GLY B 126 -7.48 20.94 -10.52
C GLY B 126 -8.36 21.19 -11.73
N VAL B 127 -9.38 20.36 -11.98
CA VAL B 127 -10.22 20.47 -13.16
C VAL B 127 -11.65 20.82 -12.72
N ILE B 128 -12.26 21.78 -13.41
CA ILE B 128 -13.63 22.21 -13.17
C ILE B 128 -14.36 22.28 -14.49
N ALA B 129 -15.68 22.00 -14.48
CA ALA B 129 -16.43 21.95 -15.73
C ALA B 129 -17.90 22.24 -15.48
N ILE B 130 -18.56 22.72 -16.54
CA ILE B 130 -20.00 22.95 -16.54
C ILE B 130 -20.59 22.44 -17.85
N ALA B 131 -21.80 21.90 -17.79
CA ALA B 131 -22.39 21.27 -18.96
C ALA B 131 -23.90 21.47 -18.94
N VAL B 132 -24.48 21.51 -20.15
CA VAL B 132 -25.93 21.54 -20.33
C VAL B 132 -26.32 20.42 -21.27
N PRO B 133 -27.57 19.99 -21.25
CA PRO B 133 -28.05 19.02 -22.23
C PRO B 133 -28.31 19.65 -23.58
N VAL B 134 -28.12 18.86 -24.62
CA VAL B 134 -28.44 19.25 -25.99
C VAL B 134 -29.58 18.36 -26.47
N LEU B 135 -30.71 18.97 -26.79
CA LEU B 135 -31.92 18.25 -27.18
C LEU B 135 -32.12 18.33 -28.69
N ASN B 136 -32.85 17.35 -29.22
CA ASN B 136 -33.16 17.34 -30.64
C ASN B 136 -34.55 17.96 -30.87
N ALA B 137 -35.05 17.83 -32.09
CA ALA B 137 -36.34 18.40 -32.44
C ALA B 137 -37.46 17.88 -31.55
N GLN B 138 -37.50 16.56 -31.34
CA GLN B 138 -38.56 15.96 -30.54
C GLN B 138 -38.33 16.10 -29.04
N GLY B 139 -37.27 16.77 -28.61
CA GLY B 139 -37.07 17.00 -27.19
C GLY B 139 -36.35 15.90 -26.45
N LEU B 140 -35.81 14.92 -27.15
CA LEU B 140 -34.98 13.91 -26.52
C LEU B 140 -33.56 14.45 -26.33
N THR B 141 -32.99 14.18 -25.16
CA THR B 141 -31.62 14.62 -24.87
C THR B 141 -30.65 13.68 -25.57
N ILE B 142 -29.90 14.22 -26.53
CA ILE B 142 -29.02 13.41 -27.36
C ILE B 142 -27.54 13.66 -27.11
N ALA B 143 -27.17 14.74 -26.45
CA ALA B 143 -25.77 15.02 -26.17
C ALA B 143 -25.69 15.99 -25.01
N ALA B 144 -24.46 16.26 -24.58
CA ALA B 144 -24.19 17.29 -23.60
C ALA B 144 -23.12 18.23 -24.14
N LEU B 145 -23.32 19.53 -23.92
CA LEU B 145 -22.40 20.57 -24.34
C LEU B 145 -21.67 21.07 -23.10
N ASN B 146 -20.34 21.01 -23.11
CA ASN B 146 -19.61 21.34 -21.89
C ASN B 146 -18.43 22.26 -22.15
N CYS B 147 -17.91 22.76 -21.03
CA CYS B 147 -16.74 23.61 -20.95
C CYS B 147 -15.87 23.04 -19.84
N MSE B 148 -14.57 22.94 -20.09
CA MSE B 148 -13.65 22.34 -19.11
C MSE B 148 -12.39 23.20 -18.99
O MSE B 148 -11.87 23.67 -20.00
CB MSE B 148 -13.31 20.91 -19.55
CG MSE B 148 -13.12 19.90 -18.44
SE MSE B 148 -12.90 18.07 -19.19
CE MSE B 148 -14.56 17.27 -18.55
N SER B 149 -11.91 23.42 -17.76
CA SER B 149 -10.72 24.26 -17.56
C SER B 149 -10.05 23.89 -16.24
N GLN B 150 -8.90 24.52 -15.98
CA GLN B 150 -8.22 24.37 -14.71
C GLN B 150 -8.85 25.29 -13.66
N THR B 151 -8.78 24.84 -12.41
CA THR B 151 -9.35 25.63 -11.31
C THR B 151 -8.59 26.94 -11.10
N ASN B 152 -7.30 27.01 -11.46
CA ASN B 152 -6.56 28.25 -11.33
C ASN B 152 -6.68 29.15 -12.55
N ARG B 153 -7.54 28.82 -13.53
CA ARG B 153 -7.74 29.65 -14.71
C ARG B 153 -9.17 30.13 -14.89
N VAL B 154 -10.13 29.54 -14.20
CA VAL B 154 -11.53 29.96 -14.35
C VAL B 154 -12.24 29.78 -13.00
N GLN B 155 -13.00 30.82 -12.59
CA GLN B 155 -13.74 30.71 -11.34
C GLN B 155 -15.13 30.15 -11.59
N PRO B 156 -15.73 29.48 -10.61
CA PRO B 156 -17.13 29.03 -10.80
C PRO B 156 -18.09 30.17 -11.11
N GLN B 157 -17.91 31.35 -10.50
CA GLN B 157 -18.78 32.50 -10.81
C GLN B 157 -18.75 32.82 -12.30
N TYR B 158 -17.56 32.77 -12.91
CA TYR B 158 -17.45 33.00 -14.34
C TYR B 158 -18.26 31.97 -15.11
N LEU B 159 -18.12 30.69 -14.75
CA LEU B 159 -18.85 29.66 -15.49
C LEU B 159 -20.35 29.85 -15.34
N ILE B 160 -20.79 30.18 -14.12
CA ILE B 160 -22.22 30.40 -13.89
C ILE B 160 -22.67 31.70 -14.57
N ASP B 161 -21.96 32.80 -14.34
CA ASP B 161 -22.47 34.09 -14.79
C ASP B 161 -22.22 34.33 -16.28
N GLN B 162 -21.09 33.87 -16.82
CA GLN B 162 -20.69 34.15 -18.19
C GLN B 162 -20.89 32.98 -19.14
N VAL B 163 -20.47 31.78 -18.76
CA VAL B 163 -20.44 30.68 -19.73
C VAL B 163 -21.81 30.02 -19.85
N LEU B 164 -22.45 29.75 -18.71
CA LEU B 164 -23.74 29.08 -18.70
C LEU B 164 -24.76 29.70 -19.67
N PRO B 165 -25.05 31.01 -19.63
CA PRO B 165 -26.04 31.54 -20.59
C PRO B 165 -25.63 31.32 -22.05
N LEU B 166 -24.34 31.39 -22.35
CA LEU B 166 -23.87 31.11 -23.70
C LEU B 166 -24.15 29.65 -24.06
N LEU B 167 -23.91 28.72 -23.13
CA LEU B 167 -24.23 27.33 -23.39
C LEU B 167 -25.72 27.14 -23.65
N ARG B 168 -26.56 27.81 -22.87
CA ARG B 168 -28.00 27.68 -23.04
C ARG B 168 -28.44 28.24 -24.38
N ASN B 169 -27.94 29.42 -24.75
CA ASN B 169 -28.26 29.97 -26.07
C ASN B 169 -27.87 29.00 -27.17
N THR B 170 -26.64 28.48 -27.11
CA THR B 170 -26.16 27.57 -28.13
C THR B 170 -27.01 26.32 -28.22
N ALA B 171 -27.31 25.70 -27.07
CA ALA B 171 -28.11 24.49 -27.10
C ALA B 171 -29.50 24.75 -27.68
N ASN B 172 -30.05 25.94 -27.44
CA ASN B 172 -31.38 26.25 -27.99
C ASN B 172 -31.33 26.36 -29.51
N GLU B 173 -30.29 26.99 -30.07
CA GLU B 173 -30.17 27.03 -31.53
C GLU B 173 -29.86 25.65 -32.10
N LEU B 174 -29.12 24.82 -31.37
CA LEU B 174 -28.84 23.47 -31.85
C LEU B 174 -30.10 22.62 -31.90
N ARG B 175 -31.09 22.92 -31.06
CA ARG B 175 -32.24 22.03 -30.89
C ARG B 175 -32.97 21.80 -32.21
N ASN B 176 -33.00 22.79 -33.09
CA ASN B 176 -33.69 22.64 -34.37
C ASN B 176 -32.79 22.17 -35.50
N LEU B 177 -31.47 22.25 -35.33
CA LEU B 177 -30.50 21.85 -36.33
C LEU B 177 -30.10 20.39 -36.24
N VAL B 178 -30.48 19.69 -35.17
CA VAL B 178 -30.04 18.34 -34.94
C VAL B 178 -31.24 17.43 -34.70
N ALA C 4 5.33 -25.88 24.13
CA ALA C 4 5.87 -25.91 22.76
C ALA C 4 5.05 -25.01 21.83
N HIS C 5 4.20 -24.19 22.44
N HIS C 5 4.22 -24.16 22.41
CA HIS C 5 3.46 -23.17 21.70
CA HIS C 5 3.48 -23.19 21.60
C HIS C 5 4.42 -22.15 21.08
C HIS C 5 4.41 -22.12 21.06
N LEU C 6 5.29 -21.58 21.91
CA LEU C 6 6.16 -20.50 21.48
C LEU C 6 7.09 -20.87 20.32
N PRO C 7 7.67 -22.09 20.24
CA PRO C 7 8.55 -22.40 19.09
C PRO C 7 7.91 -22.28 17.71
N LYS C 8 6.68 -22.79 17.50
CA LYS C 8 6.09 -22.74 16.16
C LYS C 8 5.66 -21.33 15.79
N VAL C 9 5.12 -20.58 16.76
CA VAL C 9 4.72 -19.20 16.55
C VAL C 9 5.89 -18.34 16.05
N ALA C 10 7.08 -18.54 16.61
CA ALA C 10 8.19 -17.61 16.45
C ALA C 10 9.16 -17.94 15.31
N GLN C 11 9.02 -19.10 14.67
CA GLN C 11 10.00 -19.54 13.67
C GLN C 11 10.15 -18.54 12.53
N SER C 12 9.03 -18.08 11.98
CA SER C 12 9.05 -17.15 10.86
C SER C 12 9.75 -15.85 11.24
N PHE C 13 9.44 -15.30 12.42
CA PHE C 13 10.07 -14.06 12.85
C PHE C 13 11.58 -14.24 12.98
N LEU C 14 12.02 -15.38 13.50
CA LEU C 14 13.45 -15.65 13.58
C LEU C 14 14.08 -15.67 12.19
N ASN C 15 13.41 -16.33 11.23
CA ASN C 15 13.91 -16.36 9.85
C ASN C 15 13.99 -14.97 9.24
N LEU C 16 12.99 -14.13 9.50
CA LEU C 16 13.02 -12.78 8.96
C LEU C 16 14.20 -11.99 9.51
N LEU C 17 14.55 -12.23 10.77
CA LEU C 17 15.69 -11.53 11.37
C LEU C 17 16.99 -11.99 10.74
N CYS C 18 17.11 -13.31 10.53
CA CYS C 18 18.27 -13.84 9.83
C CYS C 18 18.36 -13.28 8.41
N ALA C 19 17.21 -13.16 7.75
CA ALA C 19 17.21 -12.85 6.33
C ALA C 19 17.82 -11.49 6.06
N GLN C 20 17.66 -10.54 6.96
CA GLN C 20 18.15 -9.21 6.64
C GLN C 20 19.42 -8.81 7.38
N THR C 21 19.84 -9.58 8.40
CA THR C 21 21.11 -9.31 9.04
C THR C 21 22.16 -10.36 8.76
N SER C 22 21.76 -11.55 8.33
CA SER C 22 22.60 -12.72 8.12
C SER C 22 23.05 -13.40 9.41
N LEU C 23 22.70 -12.88 10.59
CA LEU C 23 23.08 -13.52 11.85
C LEU C 23 22.05 -14.57 12.25
N THR C 24 22.41 -15.41 13.21
CA THR C 24 21.51 -16.47 13.67
C THR C 24 20.85 -16.00 14.96
N PHE C 25 19.53 -16.23 15.06
CA PHE C 25 18.75 -15.75 16.19
C PHE C 25 18.06 -16.92 16.87
N SER C 26 17.78 -16.76 18.17
CA SER C 26 17.10 -17.84 18.87
C SER C 26 16.12 -17.27 19.88
N ILE C 27 15.22 -18.13 20.34
CA ILE C 27 14.35 -17.87 21.48
C ILE C 27 14.76 -18.86 22.56
N VAL C 28 15.03 -18.35 23.77
CA VAL C 28 15.47 -19.21 24.86
C VAL C 28 14.63 -18.95 26.11
N VAL C 29 14.53 -19.99 26.93
CA VAL C 29 13.85 -19.91 28.22
C VAL C 29 14.88 -20.25 29.29
N LEU C 30 14.53 -19.91 30.53
CA LEU C 30 15.38 -20.15 31.69
C LEU C 30 14.97 -21.47 32.33
N ASP C 31 15.96 -22.30 32.62
CA ASP C 31 15.73 -23.59 33.28
C ASP C 31 16.70 -23.68 34.46
N GLU C 32 16.18 -23.34 35.65
CA GLU C 32 16.96 -23.28 36.87
C GLU C 32 18.16 -22.36 36.70
N HIS C 33 19.32 -22.88 36.34
CA HIS C 33 20.48 -22.01 36.23
C HIS C 33 21.07 -21.95 34.83
N GLU C 34 20.39 -22.51 33.83
CA GLU C 34 20.89 -22.44 32.47
C GLU C 34 19.83 -21.82 31.57
N VAL C 35 20.26 -21.36 30.39
CA VAL C 35 19.35 -20.92 29.35
C VAL C 35 19.38 -21.97 28.24
N VAL C 36 18.22 -22.19 27.63
CA VAL C 36 17.99 -23.30 26.71
C VAL C 36 17.23 -22.75 25.51
N PRO C 37 17.78 -22.86 24.30
CA PRO C 37 17.05 -22.40 23.12
C PRO C 37 15.91 -23.35 22.81
N VAL C 38 14.75 -22.79 22.47
CA VAL C 38 13.61 -23.58 22.02
C VAL C 38 13.26 -23.31 20.58
N ALA C 39 13.94 -22.37 19.93
CA ALA C 39 13.78 -22.19 18.49
C ALA C 39 14.97 -21.37 17.99
N ARG C 40 15.33 -21.61 16.72
CA ARG C 40 16.51 -21.04 16.09
C ARG C 40 16.15 -20.66 14.66
N SER C 41 16.63 -19.51 14.19
CA SER C 41 16.45 -19.17 12.79
C SER C 41 17.13 -20.23 11.93
N TYR C 42 16.58 -20.45 10.74
CA TYR C 42 17.17 -21.43 9.82
C TYR C 42 16.82 -21.02 8.39
N LEU C 43 17.81 -20.53 7.65
CA LEU C 43 17.66 -20.22 6.23
C LEU C 43 18.64 -21.11 5.51
N PRO C 44 18.20 -22.26 5.00
CA PRO C 44 19.18 -23.21 4.45
C PRO C 44 19.95 -22.66 3.28
N GLN C 45 19.42 -21.68 2.53
CA GLN C 45 20.16 -21.22 1.34
C GLN C 45 21.36 -20.36 1.73
N GLN C 46 21.39 -19.85 2.95
CA GLN C 46 22.52 -19.05 3.41
C GLN C 46 22.98 -19.45 4.81
N ASP C 47 22.66 -20.66 5.26
CA ASP C 47 22.91 -21.00 6.65
C ASP C 47 24.40 -20.95 6.97
N ASN C 48 24.75 -20.14 7.95
CA ASN C 48 26.14 -19.98 8.35
C ASN C 48 26.44 -21.02 9.43
N ARG C 49 27.08 -22.11 9.04
CA ARG C 49 27.37 -23.19 9.97
C ARG C 49 28.59 -22.91 10.87
N VAL C 50 29.13 -21.68 10.84
CA VAL C 50 30.29 -21.27 11.65
C VAL C 50 29.75 -20.49 12.84
N SER C 51 28.45 -20.62 13.09
CA SER C 51 27.81 -19.88 14.17
C SER C 51 28.27 -20.39 15.54
N PRO C 52 28.24 -19.54 16.56
CA PRO C 52 28.68 -19.96 17.90
C PRO C 52 27.76 -21.04 18.49
N TYR C 53 28.32 -21.76 19.45
CA TYR C 53 27.54 -22.72 20.22
C TYR C 53 26.46 -21.99 21.00
N GLY C 54 25.30 -22.63 21.12
CA GLY C 54 24.31 -22.15 22.07
C GLY C 54 22.97 -21.79 21.50
N MSE C 55 22.74 -22.00 20.21
CA MSE C 55 21.45 -21.66 19.63
C MSE C 55 20.74 -22.85 19.03
O MSE C 55 19.58 -22.75 18.64
CB MSE C 55 21.59 -20.54 18.60
CG MSE C 55 21.77 -19.18 19.28
SE MSE C 55 21.92 -17.72 18.06
CE MSE C 55 23.57 -18.23 17.17
N HIS C 56 21.43 -24.00 18.97
CA HIS C 56 20.76 -25.22 18.56
C HIS C 56 19.92 -25.76 19.71
N LEU C 57 18.81 -26.40 19.37
CA LEU C 57 17.94 -26.96 20.39
C LEU C 57 18.69 -28.02 21.18
N GLY C 58 18.65 -27.92 22.50
CA GLY C 58 19.36 -28.81 23.37
C GLY C 58 20.64 -28.23 23.95
N ASN C 59 21.18 -27.16 23.34
CA ASN C 59 22.34 -26.49 23.90
C ASN C 59 21.99 -25.90 25.26
N ARG C 60 22.98 -25.86 26.14
CA ARG C 60 22.80 -25.25 27.45
C ARG C 60 23.94 -24.30 27.72
N LEU C 61 23.59 -23.08 28.11
CA LEU C 61 24.54 -22.07 28.51
C LEU C 61 24.19 -21.58 29.91
N PRO C 62 25.19 -21.20 30.70
CA PRO C 62 24.90 -20.71 32.06
C PRO C 62 24.24 -19.33 32.03
N ALA C 63 23.26 -19.15 32.90
CA ALA C 63 22.42 -17.95 32.84
C ALA C 63 23.18 -16.68 33.19
N HIS C 64 24.13 -16.77 34.12
CA HIS C 64 24.78 -15.56 34.61
C HIS C 64 25.79 -15.01 33.62
N ALA C 65 26.16 -15.78 32.60
CA ALA C 65 27.20 -15.39 31.64
C ALA C 65 26.65 -15.15 30.24
N THR C 66 25.33 -14.96 30.10
CA THR C 66 24.70 -14.76 28.80
C THR C 66 23.77 -13.56 28.84
N SER C 67 23.56 -12.98 27.66
CA SER C 67 22.59 -11.89 27.49
C SER C 67 21.19 -12.37 27.81
N THR C 68 20.83 -13.57 27.33
CA THR C 68 19.50 -14.08 27.58
C THR C 68 19.30 -14.39 29.06
N GLY C 69 20.31 -15.00 29.70
CA GLY C 69 20.21 -15.30 31.11
C GLY C 69 20.02 -14.04 31.93
N LYS C 70 20.80 -13.00 31.64
CA LYS C 70 20.66 -11.78 32.41
C LYS C 70 19.31 -11.13 32.17
N VAL C 71 18.78 -11.24 30.95
CA VAL C 71 17.44 -10.74 30.69
C VAL C 71 16.42 -11.50 31.51
N LEU C 72 16.46 -12.83 31.44
CA LEU C 72 15.50 -13.63 32.18
C LEU C 72 15.63 -13.46 33.69
N LEU C 73 16.85 -13.27 34.20
CA LEU C 73 16.98 -13.02 35.64
C LEU C 73 16.57 -11.61 36.01
N SER C 74 16.75 -10.65 35.10
CA SER C 74 16.58 -9.25 35.46
C SER C 74 15.16 -8.93 35.88
N VAL C 75 14.18 -9.73 35.46
CA VAL C 75 12.78 -9.41 35.66
C VAL C 75 12.20 -10.07 36.91
N LEU C 76 12.99 -10.86 37.64
CA LEU C 76 12.54 -11.47 38.87
C LEU C 76 12.69 -10.49 40.03
N ASP C 77 11.99 -10.76 41.12
CA ASP C 77 12.08 -9.92 42.32
C ASP C 77 13.47 -10.04 42.94
N ARG C 78 13.85 -8.98 43.66
CA ARG C 78 15.19 -8.96 44.26
C ARG C 78 15.43 -10.18 45.13
N GLU C 79 14.44 -10.55 45.96
CA GLU C 79 14.64 -11.69 46.85
C GLU C 79 14.86 -12.97 46.05
N VAL C 80 14.14 -13.13 44.93
CA VAL C 80 14.32 -14.31 44.10
C VAL C 80 15.66 -14.26 43.39
N GLN C 81 16.11 -13.06 43.00
CA GLN C 81 17.45 -12.91 42.44
C GLN C 81 18.52 -13.29 43.46
N ILE C 82 18.37 -12.81 44.69
CA ILE C 82 19.39 -13.06 45.68
C ILE C 82 19.45 -14.54 46.03
N GLU C 83 18.29 -15.19 46.12
CA GLU C 83 18.28 -16.63 46.39
C GLU C 83 18.91 -17.39 45.22
N TRP C 84 18.67 -16.94 44.00
CA TRP C 84 19.26 -17.61 42.84
C TRP C 84 20.77 -17.53 42.91
N ILE C 85 21.30 -16.34 43.17
CA ILE C 85 22.74 -16.15 43.31
C ILE C 85 23.28 -17.04 44.42
N GLU C 86 22.62 -17.03 45.58
CA GLU C 86 23.12 -17.83 46.69
C GLU C 86 23.06 -19.31 46.38
N LYS C 87 22.09 -19.75 45.56
CA LYS C 87 21.97 -21.17 45.27
C LYS C 87 22.99 -21.63 44.23
N TYR C 88 23.18 -20.86 43.17
CA TYR C 88 23.97 -21.30 42.03
C TYR C 88 25.32 -20.63 41.91
N GLY C 89 25.53 -19.47 42.51
CA GLY C 89 26.82 -18.82 42.44
C GLY C 89 27.08 -18.23 41.06
N LEU C 90 28.30 -17.68 40.91
CA LEU C 90 28.72 -16.96 39.70
C LEU C 90 30.11 -17.47 39.29
N LYS C 91 30.14 -18.65 38.68
CA LYS C 91 31.41 -19.26 38.28
C LYS C 91 32.11 -18.43 37.21
N ARG C 92 33.42 -18.27 37.35
CA ARG C 92 34.24 -17.67 36.30
C ARG C 92 34.40 -18.61 35.11
N LEU C 93 34.08 -18.13 33.91
CA LEU C 93 34.26 -18.88 32.66
C LEU C 93 35.29 -18.28 31.72
N THR C 94 35.45 -16.97 31.72
CA THR C 94 36.44 -16.26 30.91
C THR C 94 37.01 -15.20 31.83
N PRO C 95 38.04 -14.45 31.44
CA PRO C 95 38.45 -13.31 32.28
C PRO C 95 37.40 -12.22 32.34
N TYR C 96 36.32 -12.30 31.55
CA TYR C 96 35.34 -11.24 31.49
C TYR C 96 34.02 -11.58 32.18
N THR C 97 33.86 -12.81 32.66
CA THR C 97 32.65 -13.18 33.38
C THR C 97 32.45 -12.28 34.59
N ILE C 98 31.21 -11.92 34.86
CA ILE C 98 30.90 -11.21 36.10
C ILE C 98 30.82 -12.22 37.23
N THR C 99 31.69 -12.06 38.24
CA THR C 99 31.68 -12.93 39.40
C THR C 99 31.39 -12.20 40.71
N ASP C 100 31.29 -10.88 40.70
CA ASP C 100 31.02 -10.12 41.91
C ASP C 100 29.51 -9.88 42.01
N GLU C 101 28.92 -10.23 43.16
CA GLU C 101 27.47 -10.20 43.27
C GLU C 101 26.94 -8.78 43.15
N HIS C 102 27.65 -7.80 43.71
CA HIS C 102 27.20 -6.42 43.62
C HIS C 102 27.15 -5.97 42.16
N THR C 103 28.21 -6.29 41.41
CA THR C 103 28.23 -5.99 39.98
C THR C 103 27.12 -6.74 39.25
N PHE C 104 26.88 -7.99 39.63
CA PHE C 104 25.85 -8.75 38.93
C PHE C 104 24.49 -8.11 39.09
N LEU C 105 24.16 -7.66 40.32
CA LEU C 105 22.86 -7.03 40.57
C LEU C 105 22.73 -5.65 39.91
N GLU C 106 23.80 -4.85 39.90
CA GLU C 106 23.83 -3.64 39.06
C GLU C 106 23.49 -3.97 37.61
N THR C 107 24.13 -5.01 37.09
CA THR C 107 23.84 -5.43 35.72
C THR C 107 22.38 -5.81 35.57
N LEU C 108 21.87 -6.66 36.48
CA LEU C 108 20.46 -7.06 36.39
C LEU C 108 19.54 -5.85 36.47
N ASP C 109 19.83 -4.89 37.36
CA ASP C 109 18.98 -3.71 37.47
C ASP C 109 19.00 -2.87 36.19
N ALA C 110 20.18 -2.74 35.56
CA ALA C 110 20.26 -2.00 34.31
C ALA C 110 19.53 -2.72 33.19
N VAL C 111 19.70 -4.04 33.10
CA VAL C 111 19.02 -4.81 32.05
C VAL C 111 17.49 -4.70 32.20
N ARG C 112 17.00 -4.76 33.42
CA ARG C 112 15.56 -4.63 33.62
C ARG C 112 15.07 -3.25 33.21
N GLN C 113 15.85 -2.22 33.49
CA GLN C 113 15.41 -0.86 33.21
C GLN C 113 15.43 -0.55 31.72
N SER C 114 16.48 -0.99 31.03
CA SER C 114 16.67 -0.65 29.63
C SER C 114 16.13 -1.70 28.66
N ASP C 115 15.72 -2.88 29.14
CA ASP C 115 15.04 -3.91 28.36
C ASP C 115 15.92 -4.57 27.30
N TYR C 116 17.23 -4.64 27.55
CA TYR C 116 18.10 -5.43 26.68
C TYR C 116 19.41 -5.70 27.40
N CYS C 117 20.16 -6.66 26.87
CA CYS C 117 21.47 -6.97 27.40
C CYS C 117 22.41 -7.31 26.25
N LEU C 118 23.54 -6.61 26.22
CA LEU C 118 24.62 -6.89 25.30
C LEU C 118 25.78 -7.45 26.11
N SER C 119 26.22 -8.66 25.76
CA SER C 119 27.18 -9.43 26.55
C SER C 119 28.35 -9.81 25.66
N THR C 120 29.56 -9.42 26.08
CA THR C 120 30.78 -9.59 25.28
C THR C 120 31.72 -10.59 25.95
N GLU C 121 31.80 -11.80 25.40
CA GLU C 121 32.84 -12.77 25.78
C GLU C 121 32.78 -13.15 27.26
N GLU C 122 31.58 -13.10 27.85
CA GLU C 122 31.45 -13.44 29.25
C GLU C 122 31.25 -14.93 29.49
N HIS C 123 30.92 -15.69 28.45
CA HIS C 123 30.78 -17.14 28.58
C HIS C 123 31.71 -17.91 27.65
N GLU C 124 32.12 -17.33 26.52
CA GLU C 124 33.10 -17.93 25.64
C GLU C 124 33.92 -16.81 25.00
N LEU C 125 35.25 -16.97 24.98
CA LEU C 125 36.09 -16.01 24.28
C LEU C 125 35.67 -15.91 22.82
N GLY C 126 35.62 -14.67 22.31
CA GLY C 126 35.34 -14.46 20.91
C GLY C 126 33.88 -14.46 20.52
N VAL C 127 32.97 -14.49 21.50
CA VAL C 127 31.54 -14.54 21.23
C VAL C 127 30.86 -13.33 21.85
N ILE C 128 29.93 -12.73 21.11
CA ILE C 128 29.20 -11.53 21.53
C ILE C 128 27.72 -11.78 21.25
N ALA C 129 26.85 -11.23 22.08
CA ALA C 129 25.42 -11.47 21.90
C ALA C 129 24.59 -10.30 22.44
N ILE C 130 23.36 -10.21 21.95
CA ILE C 130 22.42 -9.22 22.46
C ILE C 130 21.04 -9.87 22.51
N ALA C 131 20.27 -9.52 23.53
CA ALA C 131 19.00 -10.17 23.80
C ALA C 131 18.01 -9.17 24.34
N VAL C 132 16.73 -9.43 24.07
CA VAL C 132 15.61 -8.67 24.65
C VAL C 132 14.62 -9.65 25.24
N PRO C 133 13.80 -9.22 26.19
CA PRO C 133 12.76 -10.09 26.74
C PRO C 133 11.59 -10.26 25.78
N VAL C 134 10.94 -11.43 25.87
CA VAL C 134 9.69 -11.71 25.17
C VAL C 134 8.59 -11.82 26.22
N LEU C 135 7.57 -10.97 26.08
CA LEU C 135 6.46 -10.88 27.02
C LEU C 135 5.23 -11.56 26.43
N ASN C 136 4.30 -11.95 27.29
CA ASN C 136 3.02 -12.42 26.80
C ASN C 136 2.00 -11.27 26.90
N ALA C 137 0.73 -11.59 26.64
CA ALA C 137 -0.30 -10.58 26.55
C ALA C 137 -0.50 -9.85 27.89
N GLN C 138 -0.35 -10.56 29.00
CA GLN C 138 -0.49 -9.92 30.29
C GLN C 138 0.78 -9.25 30.75
N GLY C 139 1.84 -9.27 29.95
CA GLY C 139 3.06 -8.58 30.31
C GLY C 139 4.08 -9.38 31.09
N LEU C 140 3.90 -10.68 31.25
CA LEU C 140 4.91 -11.51 31.91
C LEU C 140 6.01 -11.87 30.92
N THR C 141 7.28 -11.73 31.35
CA THR C 141 8.40 -12.17 30.54
C THR C 141 8.46 -13.69 30.54
N ILE C 142 8.38 -14.29 29.35
CA ILE C 142 8.33 -15.75 29.21
C ILE C 142 9.53 -16.30 28.46
N ALA C 143 10.36 -15.47 27.86
CA ALA C 143 11.51 -15.95 27.11
C ALA C 143 12.37 -14.75 26.77
N ALA C 144 13.52 -15.04 26.16
CA ALA C 144 14.41 -14.00 25.67
C ALA C 144 14.71 -14.24 24.19
N LEU C 145 14.78 -13.17 23.42
CA LEU C 145 15.06 -13.27 22.00
C LEU C 145 16.45 -12.71 21.77
N ASN C 146 17.32 -13.49 21.14
CA ASN C 146 18.70 -13.08 21.08
C ASN C 146 19.32 -13.37 19.72
N CYS C 147 20.59 -13.01 19.65
CA CYS C 147 21.38 -13.00 18.45
C CYS C 147 22.81 -13.17 18.91
N MSE C 148 23.51 -14.18 18.42
CA MSE C 148 24.91 -14.42 18.84
C MSE C 148 25.83 -14.40 17.64
O MSE C 148 25.42 -14.82 16.54
CB MSE C 148 25.09 -15.76 19.55
CG MSE C 148 24.41 -15.91 20.87
SE MSE C 148 24.74 -17.71 21.57
CE MSE C 148 26.64 -17.69 21.61
N SER C 149 27.08 -13.99 17.84
CA SER C 149 28.03 -14.00 16.74
C SER C 149 29.45 -14.02 17.29
N GLN C 150 30.42 -14.13 16.39
CA GLN C 150 31.82 -13.97 16.75
C GLN C 150 32.20 -12.50 16.74
N THR C 151 33.07 -12.11 17.68
CA THR C 151 33.47 -10.72 17.80
C THR C 151 34.24 -10.22 16.60
N ASN C 152 34.81 -11.12 15.80
CA ASN C 152 35.49 -10.67 14.60
C ASN C 152 34.57 -10.61 13.41
N ARG C 153 33.27 -10.85 13.60
CA ARG C 153 32.30 -10.78 12.51
C ARG C 153 31.24 -9.72 12.72
N VAL C 154 31.06 -9.21 13.94
CA VAL C 154 30.01 -8.23 14.23
C VAL C 154 30.52 -7.27 15.29
N GLN C 155 30.29 -5.95 15.07
CA GLN C 155 30.64 -4.91 16.04
C GLN C 155 29.49 -4.69 17.04
N PRO C 156 29.80 -4.39 18.29
CA PRO C 156 28.71 -3.99 19.21
C PRO C 156 27.86 -2.84 18.68
N GLN C 157 28.46 -1.85 18.00
CA GLN C 157 27.67 -0.75 17.43
C GLN C 157 26.61 -1.25 16.46
N TYR C 158 26.95 -2.28 15.69
CA TYR C 158 25.99 -2.83 14.75
C TYR C 158 24.89 -3.58 15.48
N LEU C 159 25.23 -4.25 16.59
CA LEU C 159 24.18 -4.93 17.34
C LEU C 159 23.24 -3.91 17.98
N ILE C 160 23.79 -2.80 18.47
CA ILE C 160 22.98 -1.76 19.09
C ILE C 160 22.13 -1.04 18.05
N ASP C 161 22.77 -0.55 16.98
CA ASP C 161 22.13 0.34 16.03
C ASP C 161 21.24 -0.39 15.02
N GLN C 162 21.60 -1.59 14.61
CA GLN C 162 20.87 -2.30 13.57
C GLN C 162 20.03 -3.45 14.11
N VAL C 163 20.58 -4.27 15.00
CA VAL C 163 19.86 -5.46 15.40
C VAL C 163 18.87 -5.16 16.52
N LEU C 164 19.28 -4.44 17.55
CA LEU C 164 18.39 -4.17 18.67
C LEU C 164 17.03 -3.62 18.27
N PRO C 165 16.92 -2.60 17.41
CA PRO C 165 15.57 -2.17 16.97
C PRO C 165 14.77 -3.29 16.32
N LEU C 166 15.42 -4.16 15.56
CA LEU C 166 14.69 -5.26 14.93
C LEU C 166 14.22 -6.25 15.98
N LEU C 167 15.05 -6.47 17.02
CA LEU C 167 14.65 -7.34 18.10
C LEU C 167 13.42 -6.79 18.82
N ARG C 168 13.41 -5.47 19.06
CA ARG C 168 12.27 -4.88 19.76
C ARG C 168 11.01 -5.00 18.92
N ASN C 169 11.11 -4.64 17.64
CA ASN C 169 9.97 -4.79 16.74
C ASN C 169 9.39 -6.21 16.82
N THR C 170 10.26 -7.20 16.75
CA THR C 170 9.84 -8.60 16.75
C THR C 170 9.20 -8.98 18.08
N ALA C 171 9.86 -8.68 19.19
CA ALA C 171 9.26 -8.94 20.50
C ALA C 171 7.89 -8.27 20.62
N ASN C 172 7.77 -7.04 20.12
CA ASN C 172 6.49 -6.35 20.22
C ASN C 172 5.40 -7.10 19.46
N GLU C 173 5.70 -7.61 18.25
CA GLU C 173 4.69 -8.40 17.54
C GLU C 173 4.44 -9.73 18.24
N LEU C 174 5.47 -10.34 18.82
CA LEU C 174 5.27 -11.63 19.47
C LEU C 174 4.29 -11.51 20.62
N ARG C 175 4.35 -10.38 21.34
CA ARG C 175 3.58 -10.22 22.56
C ARG C 175 2.10 -10.57 22.39
N ASN C 176 1.56 -10.36 21.19
CA ASN C 176 0.16 -10.66 20.93
C ASN C 176 -0.09 -12.08 20.41
N LEU C 177 0.97 -12.83 20.07
CA LEU C 177 0.84 -14.16 19.51
C LEU C 177 1.06 -15.28 20.52
N VAL C 178 1.68 -15.01 21.66
CA VAL C 178 1.79 -16.03 22.71
C VAL C 178 0.76 -15.80 23.82
P PO4 D . -9.34 -0.90 -14.75
O1 PO4 D . -9.25 0.55 -15.18
O2 PO4 D . -10.08 -1.69 -15.82
O3 PO4 D . -10.07 -0.96 -13.43
O4 PO4 D . -7.94 -1.48 -14.63
C1 GOL E . 14.17 7.46 3.85
O1 GOL E . 15.34 7.14 4.58
C2 GOL E . 14.52 7.93 2.44
O2 GOL E . 14.80 9.32 2.44
C3 GOL E . 13.35 7.58 1.52
O3 GOL E . 13.46 8.24 0.28
C1 GOL F . -8.08 1.47 12.04
O1 GOL F . -8.22 0.07 12.19
C2 GOL F . -7.47 1.83 10.69
O2 GOL F . -7.00 3.15 10.74
C3 GOL F . -6.32 0.89 10.35
O3 GOL F . -6.78 -0.25 9.65
P PO4 G . 7.75 18.90 -0.11
O1 PO4 G . 6.60 18.91 -1.09
O2 PO4 G . 7.97 20.31 0.37
O3 PO4 G . 7.41 18.00 1.06
O4 PO4 G . 9.02 18.41 -0.78
CL CL H . -17.63 4.96 -14.61
P PO4 I . 25.11 -21.00 36.53
O1 PO4 I . 24.50 -19.88 35.69
O2 PO4 I . 25.38 -20.44 37.94
O3 PO4 I . 24.17 -22.21 36.57
O4 PO4 I . 26.42 -21.43 35.91
C1 GOL J . 12.57 -0.26 16.64
O1 GOL J . 12.68 -0.01 18.03
C2 GOL J . 12.38 1.02 15.84
O2 GOL J . 11.33 1.77 16.44
C3 GOL J . 11.98 0.73 14.38
O3 GOL J . 12.82 -0.09 13.60
C1 GOL K . 29.44 -4.57 11.17
O1 GOL K . 29.53 -5.51 12.22
C2 GOL K . 29.02 -5.31 9.90
O2 GOL K . 28.17 -6.38 10.27
C3 GOL K . 28.29 -4.36 8.96
O3 GOL K . 27.29 -5.06 8.25
P PO4 L . 40.01 -12.79 11.20
O1 PO4 L . 38.99 -11.68 11.32
O2 PO4 L . 39.51 -13.84 10.21
O3 PO4 L . 40.24 -13.44 12.55
O4 PO4 L . 41.31 -12.20 10.71
C1 GOL M . 12.46 -19.12 37.42
O1 GOL M . 12.23 -18.32 36.28
C2 GOL M . 13.79 -18.80 38.11
O2 GOL M . 14.73 -19.83 37.89
C3 GOL M . 13.54 -18.60 39.60
O3 GOL M . 14.67 -18.93 40.38
C1 GOL N . 22.81 -14.86 25.23
O1 GOL N . 22.24 -13.82 24.47
C2 GOL N . 23.86 -15.58 24.42
O2 GOL N . 23.46 -16.93 24.36
C3 GOL N . 25.24 -15.43 25.06
O3 GOL N . 25.52 -14.13 25.53
#